data_3VPZ
#
_entry.id   3VPZ
#
_cell.length_a   98.610
_cell.length_b   98.610
_cell.length_c   59.730
_cell.angle_alpha   90.00
_cell.angle_beta   90.00
_cell.angle_gamma   120.00
#
_symmetry.space_group_name_H-M   'P 31 2 1'
#
loop_
_entity.id
_entity.type
_entity.pdbx_description
1 polymer Glucokinase
2 water water
#
_entity_poly.entity_id   1
_entity_poly.type   'polypeptide(L)'
_entity_poly.pdbx_seq_one_letter_code
;SLHSSAQFDPILVADIGGTNARFALITAFDAAKNEFVIEYNHTFPSADFGSLQNATRHYLSTVPHIKPVRACLAVAGPIK
AGQVHLTNLGWHFSVSEFKQAFSFLQLEVINDFAAFAYAAPYLDSNQNVVIKAGQADENSNIAVMGPGTGFGAACLVRTA
QSSAVLSSEGGHISLAAVTDLDAKLLIELRKEHPHVSLETVFSGPGIAHLYKAMAAVNGITAKHLDAAQISNLANTGECE
VCDATLNQFCDWLGSAAGDLALAYGALGGLFIGGGILPRMQSRLLESRFVERFSQKGIMSQYNGQVPVTLVTQDNIPLIG
AAACLHNSKQE
;
_entity_poly.pdbx_strand_id   A
#
# COMPACT_ATOMS: atom_id res chain seq x y z
N GLN A 7 -9.81 12.59 -28.35
CA GLN A 7 -9.50 13.54 -27.24
C GLN A 7 -9.96 12.97 -25.90
N PHE A 8 -9.00 12.69 -25.02
CA PHE A 8 -9.27 12.08 -23.73
C PHE A 8 -10.21 12.94 -22.88
N ASP A 9 -11.17 12.30 -22.21
CA ASP A 9 -12.11 12.99 -21.35
C ASP A 9 -11.52 13.14 -19.94
N PRO A 10 -11.13 14.38 -19.57
CA PRO A 10 -10.39 14.60 -18.32
C PRO A 10 -11.05 14.02 -17.08
N ILE A 11 -10.22 13.51 -16.17
CA ILE A 11 -10.71 12.98 -14.90
C ILE A 11 -10.11 13.77 -13.74
N LEU A 12 -10.96 14.15 -12.79
CA LEU A 12 -10.48 14.68 -11.51
C LEU A 12 -10.14 13.52 -10.59
N VAL A 13 -8.91 13.47 -10.11
CA VAL A 13 -8.51 12.43 -9.16
C VAL A 13 -8.05 13.06 -7.85
N ALA A 14 -8.37 12.41 -6.73
CA ALA A 14 -8.00 12.94 -5.44
C ALA A 14 -7.51 11.85 -4.49
N ASP A 15 -6.57 12.23 -3.64
CA ASP A 15 -6.03 11.34 -2.61
C ASP A 15 -6.32 12.01 -1.26
N ILE A 16 -7.36 11.54 -0.57
CA ILE A 16 -7.82 12.22 0.64
C ILE A 16 -7.83 11.33 1.89
N GLY A 17 -8.01 11.95 3.05
CA GLY A 17 -8.07 11.21 4.31
C GLY A 17 -6.90 11.49 5.23
N GLY A 18 -5.73 11.74 4.66
CA GLY A 18 -4.53 12.02 5.45
C GLY A 18 -4.41 13.47 5.84
N THR A 19 -3.24 13.83 6.36
CA THR A 19 -2.96 15.20 6.77
C THR A 19 -3.05 16.16 5.57
N ASN A 20 -2.72 15.63 4.40
CA ASN A 20 -2.73 16.42 3.18
C ASN A 20 -3.65 15.81 2.14
N ALA A 21 -4.47 16.65 1.52
CA ALA A 21 -5.31 16.24 0.40
C ALA A 21 -4.60 16.58 -0.90
N ARG A 22 -4.61 15.65 -1.84
CA ARG A 22 -3.93 15.85 -3.12
C ARG A 22 -4.92 15.69 -4.28
N PHE A 23 -4.93 16.69 -5.17
CA PHE A 23 -5.80 16.69 -6.35
C PHE A 23 -4.94 16.73 -7.62
N ALA A 24 -5.48 16.18 -8.71
CA ALA A 24 -4.79 16.26 -10.00
C ALA A 24 -5.80 16.04 -11.11
N LEU A 25 -5.38 16.27 -12.34
CA LEU A 25 -6.23 16.04 -13.51
C LEU A 25 -5.60 15.02 -14.46
N ILE A 26 -6.37 13.98 -14.79
CA ILE A 26 -5.92 13.01 -15.78
C ILE A 26 -6.38 13.52 -17.13
N THR A 27 -5.43 13.91 -17.97
CA THR A 27 -5.75 14.58 -19.22
C THR A 27 -5.57 13.72 -20.46
N ALA A 28 -4.91 12.57 -20.29
CA ALA A 28 -4.66 11.69 -21.41
C ALA A 28 -4.19 10.32 -20.94
N PHE A 29 -4.23 9.36 -21.85
CA PHE A 29 -3.66 8.04 -21.60
C PHE A 29 -2.78 7.66 -22.78
N ASP A 30 -1.52 7.42 -22.46
CA ASP A 30 -0.53 7.05 -23.47
C ASP A 30 -0.48 5.53 -23.63
N ALA A 31 -1.00 5.03 -24.76
CA ALA A 31 -1.05 3.60 -25.02
C ALA A 31 0.34 2.97 -25.07
N ALA A 32 1.30 3.73 -25.61
CA ALA A 32 2.67 3.27 -25.72
C ALA A 32 3.30 3.05 -24.34
N LYS A 33 3.29 4.08 -23.51
CA LYS A 33 3.86 3.99 -22.18
C LYS A 33 2.95 3.22 -21.23
N ASN A 34 1.71 3.02 -21.66
CA ASN A 34 0.70 2.40 -20.81
C ASN A 34 0.58 3.20 -19.51
N GLU A 35 0.53 4.51 -19.65
CA GLU A 35 0.48 5.41 -18.50
C GLU A 35 -0.53 6.52 -18.66
N PHE A 36 -1.21 6.85 -17.56
CA PHE A 36 -2.08 8.02 -17.51
C PHE A 36 -1.25 9.29 -17.40
N VAL A 37 -1.68 10.32 -18.12
CA VAL A 37 -1.00 11.61 -18.04
C VAL A 37 -1.64 12.45 -16.94
N ILE A 38 -0.87 12.74 -15.91
CA ILE A 38 -1.36 13.46 -14.74
C ILE A 38 -0.81 14.88 -14.71
N GLU A 39 -1.70 15.86 -14.63
CA GLU A 39 -1.31 17.26 -14.67
C GLU A 39 -1.96 18.05 -13.54
N TYR A 40 -1.41 19.22 -13.26
CA TYR A 40 -1.95 20.11 -12.23
C TYR A 40 -2.08 19.40 -10.89
N ASN A 41 -0.97 18.80 -10.46
CA ASN A 41 -0.92 18.09 -9.19
C ASN A 41 -0.77 19.08 -8.03
N HIS A 42 -1.78 19.17 -7.18
CA HIS A 42 -1.80 20.15 -6.09
C HIS A 42 -2.05 19.49 -4.76
N THR A 43 -1.19 19.77 -3.79
CA THR A 43 -1.40 19.28 -2.42
C THR A 43 -1.74 20.44 -1.48
N PHE A 44 -2.57 20.17 -0.48
CA PHE A 44 -2.91 21.19 0.50
C PHE A 44 -3.35 20.54 1.81
N PRO A 45 -3.11 21.22 2.95
CA PRO A 45 -3.49 20.69 4.24
C PRO A 45 -5.01 20.49 4.32
N SER A 46 -5.44 19.29 4.70
CA SER A 46 -6.86 19.01 4.85
C SER A 46 -7.49 20.00 5.83
N ALA A 47 -6.68 20.53 6.74
CA ALA A 47 -7.15 21.44 7.77
C ALA A 47 -7.60 22.79 7.21
N ASP A 48 -7.26 23.05 5.96
CA ASP A 48 -7.58 24.33 5.32
C ASP A 48 -9.05 24.42 4.92
N PHE A 49 -9.74 23.28 4.93
CA PHE A 49 -11.14 23.24 4.51
C PHE A 49 -12.04 22.51 5.51
N GLY A 50 -13.30 22.95 5.57
CA GLY A 50 -14.27 22.34 6.45
C GLY A 50 -15.04 21.21 5.79
N SER A 51 -14.88 21.07 4.47
CA SER A 51 -15.54 20.00 3.73
C SER A 51 -14.71 19.64 2.51
N LEU A 52 -14.91 18.43 1.99
CA LEU A 52 -14.25 18.02 0.76
C LEU A 52 -14.78 18.85 -0.39
N GLN A 53 -16.09 19.15 -0.35
CA GLN A 53 -16.71 19.98 -1.37
C GLN A 53 -15.99 21.32 -1.51
N ASN A 54 -15.70 21.96 -0.38
CA ASN A 54 -14.92 23.21 -0.40
C ASN A 54 -13.53 23.05 -0.99
N ALA A 55 -12.81 22.04 -0.52
CA ALA A 55 -11.46 21.78 -1.01
C ALA A 55 -11.51 21.61 -2.52
N THR A 56 -12.55 20.93 -2.99
CA THR A 56 -12.68 20.59 -4.41
C THR A 56 -13.01 21.83 -5.22
N ARG A 57 -13.93 22.64 -4.71
CA ARG A 57 -14.26 23.90 -5.37
C ARG A 57 -13.02 24.77 -5.49
N HIS A 58 -12.21 24.83 -4.44
CA HIS A 58 -11.00 25.64 -4.48
C HIS A 58 -10.04 25.13 -5.52
N TYR A 59 -9.82 23.82 -5.52
CA TYR A 59 -8.88 23.25 -6.48
C TYR A 59 -9.32 23.56 -7.91
N LEU A 60 -10.58 23.30 -8.21
CA LEU A 60 -11.07 23.44 -9.59
C LEU A 60 -10.97 24.89 -10.06
N SER A 61 -11.04 25.83 -9.11
CA SER A 61 -10.93 27.25 -9.44
C SER A 61 -9.53 27.63 -9.91
N THR A 62 -8.54 26.80 -9.59
CA THR A 62 -7.16 27.07 -10.00
C THR A 62 -6.84 26.51 -11.38
N VAL A 63 -7.73 25.65 -11.90
CA VAL A 63 -7.57 25.06 -13.22
C VAL A 63 -8.92 25.03 -13.93
N PRO A 64 -9.53 26.21 -14.09
CA PRO A 64 -10.92 26.31 -14.55
C PRO A 64 -11.07 26.03 -16.04
N HIS A 65 -9.96 26.03 -16.76
CA HIS A 65 -9.96 25.79 -18.20
C HIS A 65 -10.19 24.34 -18.53
N ILE A 66 -10.07 23.49 -17.51
CA ILE A 66 -10.37 22.07 -17.65
C ILE A 66 -11.42 21.68 -16.63
N LYS A 67 -12.67 21.57 -17.09
CA LYS A 67 -13.79 21.27 -16.21
C LYS A 67 -14.22 19.81 -16.38
N PRO A 68 -13.65 18.92 -15.55
CA PRO A 68 -13.91 17.49 -15.64
C PRO A 68 -15.32 17.09 -15.22
N VAL A 69 -15.92 16.15 -15.95
CA VAL A 69 -17.21 15.59 -15.56
C VAL A 69 -17.06 14.14 -15.11
N ARG A 70 -15.82 13.68 -15.01
CA ARG A 70 -15.50 12.37 -14.45
C ARG A 70 -14.60 12.58 -13.25
N ALA A 71 -14.85 11.85 -12.16
CA ALA A 71 -14.01 11.99 -10.96
C ALA A 71 -13.93 10.70 -10.16
N CYS A 72 -12.78 10.51 -9.50
CA CYS A 72 -12.61 9.35 -8.63
C CYS A 72 -11.73 9.74 -7.45
N LEU A 73 -12.23 9.52 -6.24
CA LEU A 73 -11.51 9.91 -5.02
C LEU A 73 -10.97 8.66 -4.33
N ALA A 74 -9.68 8.65 -4.05
CA ALA A 74 -9.07 7.58 -3.28
C ALA A 74 -9.02 8.03 -1.84
N VAL A 75 -9.71 7.29 -0.97
CA VAL A 75 -9.90 7.73 0.41
C VAL A 75 -9.23 6.80 1.41
N ALA A 76 -8.33 7.37 2.22
CA ALA A 76 -7.70 6.60 3.29
C ALA A 76 -8.63 6.64 4.50
N GLY A 77 -9.85 6.19 4.28
CA GLY A 77 -10.89 6.17 5.29
C GLY A 77 -11.95 5.13 4.97
N PRO A 78 -13.05 5.12 5.74
CA PRO A 78 -14.08 4.10 5.54
C PRO A 78 -15.19 4.54 4.59
N ILE A 79 -15.57 3.63 3.68
CA ILE A 79 -16.69 3.86 2.78
C ILE A 79 -17.79 2.85 3.07
N LYS A 80 -18.82 3.28 3.79
CA LYS A 80 -19.91 2.39 4.18
C LYS A 80 -21.21 2.78 3.50
N ALA A 81 -21.56 2.05 2.45
CA ALA A 81 -22.81 2.29 1.72
C ALA A 81 -22.92 3.73 1.23
N GLY A 82 -22.21 4.04 0.15
CA GLY A 82 -22.27 5.37 -0.45
C GLY A 82 -22.13 6.51 0.55
N GLN A 83 -21.40 6.24 1.63
CA GLN A 83 -21.20 7.24 2.67
C GLN A 83 -19.73 7.26 3.10
N VAL A 84 -19.15 8.45 3.15
CA VAL A 84 -17.75 8.57 3.54
C VAL A 84 -17.62 9.41 4.81
N HIS A 85 -16.98 8.85 5.84
CA HIS A 85 -16.86 9.53 7.12
C HIS A 85 -15.44 9.66 7.58
N LEU A 86 -14.82 10.79 7.27
CA LEU A 86 -13.49 11.09 7.76
C LEU A 86 -13.63 11.98 9.00
N THR A 87 -14.35 11.47 9.99
CA THR A 87 -14.61 12.21 11.22
C THR A 87 -13.34 12.87 11.73
N ASN A 88 -12.21 12.27 11.39
CA ASN A 88 -10.90 12.80 11.74
C ASN A 88 -10.71 14.21 11.18
N LEU A 89 -11.11 14.40 9.92
CA LEU A 89 -10.97 15.69 9.23
C LEU A 89 -12.21 16.56 9.39
N GLY A 90 -13.29 15.95 9.87
CA GLY A 90 -14.57 16.63 9.92
C GLY A 90 -15.25 16.62 8.57
N TRP A 91 -14.78 15.75 7.67
CA TRP A 91 -15.40 15.61 6.36
C TRP A 91 -16.32 14.43 6.32
N HIS A 92 -17.62 14.71 6.15
CA HIS A 92 -18.62 13.66 6.00
C HIS A 92 -19.45 13.99 4.81
N PHE A 93 -19.51 13.08 3.85
CA PHE A 93 -20.25 13.35 2.64
C PHE A 93 -20.92 12.12 2.02
N SER A 94 -21.97 12.37 1.26
CA SER A 94 -22.64 11.33 0.49
C SER A 94 -22.10 11.32 -0.93
N VAL A 95 -21.62 10.16 -1.37
CA VAL A 95 -21.15 10.01 -2.74
C VAL A 95 -22.18 10.57 -3.71
N SER A 96 -23.45 10.31 -3.40
CA SER A 96 -24.55 10.76 -4.25
C SER A 96 -24.62 12.27 -4.37
N GLU A 97 -24.52 12.95 -3.23
CA GLU A 97 -24.62 14.41 -3.21
C GLU A 97 -23.36 15.07 -3.76
N PHE A 98 -22.20 14.48 -3.48
CA PHE A 98 -20.95 15.00 -4.00
C PHE A 98 -20.99 14.97 -5.52
N LYS A 99 -21.51 13.88 -6.06
CA LYS A 99 -21.66 13.73 -7.51
C LYS A 99 -22.57 14.82 -8.04
N GLN A 100 -23.67 15.06 -7.31
CA GLN A 100 -24.65 16.07 -7.68
C GLN A 100 -24.05 17.47 -7.62
N ALA A 101 -23.30 17.74 -6.55
CA ALA A 101 -22.76 19.07 -6.30
C ALA A 101 -21.88 19.60 -7.44
N PHE A 102 -21.17 18.70 -8.12
CA PHE A 102 -20.27 19.12 -9.19
C PHE A 102 -20.72 18.62 -10.56
N SER A 103 -21.96 18.17 -10.66
CA SER A 103 -22.52 17.71 -11.92
C SER A 103 -21.63 16.69 -12.62
N PHE A 104 -21.05 15.78 -11.84
CA PHE A 104 -20.25 14.70 -12.42
C PHE A 104 -21.17 13.67 -13.05
N LEU A 105 -20.84 13.26 -14.27
CA LEU A 105 -21.58 12.22 -14.96
C LEU A 105 -21.16 10.86 -14.41
N GLN A 106 -19.97 10.82 -13.84
CA GLN A 106 -19.41 9.60 -13.29
C GLN A 106 -18.53 9.88 -12.08
N LEU A 107 -18.84 9.25 -10.95
CA LEU A 107 -18.04 9.41 -9.74
C LEU A 107 -17.79 8.07 -9.04
N GLU A 108 -16.52 7.73 -8.83
CA GLU A 108 -16.17 6.55 -8.06
C GLU A 108 -15.39 6.95 -6.82
N VAL A 109 -15.72 6.34 -5.70
CA VAL A 109 -15.01 6.61 -4.45
C VAL A 109 -14.48 5.29 -3.90
N ILE A 110 -13.16 5.19 -3.84
CA ILE A 110 -12.51 3.94 -3.49
C ILE A 110 -11.53 4.09 -2.33
N ASN A 111 -11.28 2.98 -1.65
CA ASN A 111 -10.28 2.94 -0.59
C ASN A 111 -8.87 3.07 -1.17
N ASP A 112 -7.92 3.52 -0.36
CA ASP A 112 -6.55 3.75 -0.85
C ASP A 112 -5.81 2.51 -1.34
N PHE A 113 -5.95 1.39 -0.64
CA PHE A 113 -5.34 0.15 -1.11
C PHE A 113 -6.04 -0.40 -2.33
N ALA A 114 -7.34 -0.17 -2.44
CA ALA A 114 -8.05 -0.58 -3.64
C ALA A 114 -7.45 0.17 -4.83
N ALA A 115 -7.10 1.44 -4.58
CA ALA A 115 -6.48 2.29 -5.60
C ALA A 115 -5.08 1.77 -5.98
N PHE A 116 -4.37 1.24 -4.99
CA PHE A 116 -3.05 0.63 -5.23
C PHE A 116 -3.18 -0.60 -6.14
N ALA A 117 -4.27 -1.35 -5.96
CA ALA A 117 -4.53 -2.52 -6.82
C ALA A 117 -4.90 -2.11 -8.24
N TYR A 118 -5.78 -1.11 -8.36
CA TYR A 118 -6.17 -0.59 -9.66
C TYR A 118 -4.95 -0.06 -10.42
N ALA A 119 -4.05 0.59 -9.69
CA ALA A 119 -2.86 1.22 -10.29
C ALA A 119 -1.82 0.22 -10.82
N ALA A 120 -1.76 -0.96 -10.19
CA ALA A 120 -0.67 -1.90 -10.42
C ALA A 120 -0.23 -2.08 -11.88
N PRO A 121 -1.19 -2.23 -12.80
CA PRO A 121 -0.82 -2.48 -14.20
C PRO A 121 -0.27 -1.25 -14.93
N TYR A 122 -0.31 -0.09 -14.28
CA TYR A 122 0.02 1.17 -14.94
C TYR A 122 1.16 1.91 -14.26
N LEU A 123 2.09 1.17 -13.66
CA LEU A 123 3.15 1.79 -12.90
C LEU A 123 4.35 2.14 -13.77
N ASP A 124 5.14 3.11 -13.31
CA ASP A 124 6.34 3.56 -14.03
C ASP A 124 7.47 2.55 -13.86
N SER A 125 7.58 1.62 -14.81
CA SER A 125 8.58 0.57 -14.75
C SER A 125 9.95 1.07 -14.29
N ASN A 126 10.37 2.21 -14.85
CA ASN A 126 11.69 2.76 -14.55
C ASN A 126 11.74 3.57 -13.26
N GLN A 127 10.67 3.54 -12.48
CA GLN A 127 10.64 4.28 -11.23
C GLN A 127 10.38 3.39 -10.02
N ASN A 128 10.59 2.09 -10.21
CA ASN A 128 10.42 1.12 -9.13
C ASN A 128 11.59 0.15 -9.05
N VAL A 129 11.64 -0.64 -7.99
CA VAL A 129 12.80 -1.49 -7.73
C VAL A 129 12.39 -2.96 -7.74
N VAL A 130 13.04 -3.75 -8.58
CA VAL A 130 12.78 -5.19 -8.59
C VAL A 130 13.40 -5.82 -7.36
N ILE A 131 12.56 -6.43 -6.53
CA ILE A 131 13.03 -7.16 -5.37
C ILE A 131 13.36 -8.59 -5.75
N LYS A 132 12.50 -9.18 -6.57
CA LYS A 132 12.74 -10.52 -7.11
C LYS A 132 12.20 -10.61 -8.54
N ALA A 133 13.04 -11.05 -9.47
CA ALA A 133 12.57 -11.29 -10.83
C ALA A 133 11.60 -12.49 -10.79
N GLY A 134 10.75 -12.67 -11.80
CA GLY A 134 10.72 -11.81 -12.98
C GLY A 134 9.52 -11.92 -13.91
N GLN A 135 8.93 -13.11 -14.06
CA GLN A 135 7.94 -13.30 -15.13
C GLN A 135 6.45 -13.14 -14.81
N ALA A 136 5.93 -11.95 -15.13
CA ALA A 136 4.53 -11.62 -14.85
C ALA A 136 3.57 -12.30 -15.84
N ASP A 137 2.47 -12.84 -15.31
CA ASP A 137 1.40 -13.36 -16.15
C ASP A 137 0.28 -12.35 -16.25
N GLU A 138 0.17 -11.72 -17.42
CA GLU A 138 -0.80 -10.66 -17.66
C GLU A 138 -2.25 -11.06 -17.41
N ASN A 139 -2.55 -12.34 -17.52
CA ASN A 139 -3.91 -12.82 -17.32
C ASN A 139 -4.20 -13.34 -15.91
N SER A 140 -3.25 -13.15 -15.00
CA SER A 140 -3.43 -13.59 -13.61
C SER A 140 -3.56 -12.41 -12.65
N ASN A 141 -3.82 -12.73 -11.38
CA ASN A 141 -4.04 -11.68 -10.39
C ASN A 141 -2.75 -10.96 -10.00
N ILE A 142 -2.90 -9.75 -9.50
CA ILE A 142 -1.78 -8.99 -8.95
C ILE A 142 -2.06 -8.71 -7.48
N ALA A 143 -1.11 -9.02 -6.61
CA ALA A 143 -1.25 -8.72 -5.19
C ALA A 143 -0.54 -7.41 -4.86
N VAL A 144 -1.13 -6.63 -3.97
CA VAL A 144 -0.50 -5.41 -3.46
C VAL A 144 -0.54 -5.39 -1.94
N MET A 145 0.58 -4.98 -1.32
CA MET A 145 0.68 -4.95 0.13
C MET A 145 1.55 -3.78 0.56
N GLY A 146 1.36 -3.31 1.78
CA GLY A 146 2.10 -2.13 2.22
C GLY A 146 2.17 -1.99 3.72
N PRO A 147 3.35 -2.27 4.30
CA PRO A 147 3.59 -2.00 5.71
C PRO A 147 3.71 -0.50 5.95
N GLY A 148 2.75 0.04 6.68
CA GLY A 148 2.76 1.44 7.05
C GLY A 148 2.36 1.56 8.51
N THR A 149 1.46 2.50 8.79
CA THR A 149 0.90 2.58 10.14
C THR A 149 0.23 1.25 10.49
N GLY A 150 -0.51 0.70 9.54
CA GLY A 150 -1.00 -0.67 9.64
C GLY A 150 -0.45 -1.48 8.48
N PHE A 151 -1.02 -2.67 8.25
CA PHE A 151 -0.62 -3.48 7.09
C PHE A 151 -1.82 -3.64 6.16
N GLY A 152 -1.73 -3.05 4.97
CA GLY A 152 -2.79 -3.16 3.98
C GLY A 152 -2.47 -4.20 2.92
N ALA A 153 -3.52 -4.87 2.44
CA ALA A 153 -3.34 -5.89 1.41
C ALA A 153 -4.57 -5.89 0.51
N ALA A 154 -4.35 -5.94 -0.79
CA ALA A 154 -5.45 -6.01 -1.74
C ALA A 154 -5.00 -6.78 -2.97
N CYS A 155 -5.94 -7.09 -3.86
CA CYS A 155 -5.60 -7.86 -5.04
C CYS A 155 -6.44 -7.45 -6.25
N LEU A 156 -5.76 -7.10 -7.34
CA LEU A 156 -6.44 -6.91 -8.61
C LEU A 156 -6.70 -8.27 -9.25
N VAL A 157 -7.95 -8.69 -9.20
CA VAL A 157 -8.34 -10.02 -9.68
C VAL A 157 -8.67 -9.95 -11.17
N ARG A 158 -7.92 -10.70 -11.98
CA ARG A 158 -8.10 -10.69 -13.43
C ARG A 158 -8.38 -12.11 -13.95
N THR A 159 -9.53 -12.32 -14.57
CA THR A 159 -9.85 -13.66 -15.06
C THR A 159 -10.29 -13.58 -16.51
N ALA A 160 -10.61 -14.75 -17.08
CA ALA A 160 -11.11 -14.82 -18.44
C ALA A 160 -12.60 -14.48 -18.53
N GLN A 161 -13.19 -14.09 -17.40
CA GLN A 161 -14.60 -13.64 -17.38
C GLN A 161 -14.79 -12.17 -16.97
N SER A 162 -13.93 -11.67 -16.09
CA SER A 162 -14.03 -10.28 -15.62
C SER A 162 -12.83 -9.91 -14.74
N SER A 163 -12.94 -8.74 -14.10
CA SER A 163 -11.92 -8.30 -13.15
C SER A 163 -12.55 -7.46 -12.04
N ALA A 164 -11.93 -7.47 -10.86
CA ALA A 164 -12.39 -6.65 -9.75
C ALA A 164 -11.26 -6.51 -8.74
N VAL A 165 -11.43 -5.58 -7.79
CA VAL A 165 -10.43 -5.41 -6.76
C VAL A 165 -10.90 -5.98 -5.42
N LEU A 166 -10.12 -6.93 -4.90
CA LEU A 166 -10.37 -7.53 -3.61
C LEU A 166 -9.78 -6.67 -2.49
N SER A 167 -10.66 -5.99 -1.78
CA SER A 167 -10.30 -5.29 -0.54
C SER A 167 -10.38 -6.27 0.62
N SER A 168 -9.46 -6.14 1.57
CA SER A 168 -9.31 -7.17 2.59
C SER A 168 -8.92 -6.61 3.96
N GLU A 169 -8.85 -7.51 4.93
CA GLU A 169 -8.27 -7.21 6.23
C GLU A 169 -7.13 -8.19 6.46
N GLY A 170 -6.40 -8.47 5.38
CA GLY A 170 -5.35 -9.48 5.36
C GLY A 170 -4.18 -9.21 6.28
N GLY A 171 -3.99 -7.96 6.67
CA GLY A 171 -2.98 -7.61 7.66
C GLY A 171 -3.24 -8.26 9.01
N HIS A 172 -4.45 -8.76 9.21
CA HIS A 172 -4.82 -9.29 10.52
C HIS A 172 -4.80 -10.78 10.66
N ILE A 173 -4.42 -11.48 9.59
CA ILE A 173 -4.26 -12.94 9.70
C ILE A 173 -3.11 -13.27 10.65
N SER A 174 -3.22 -14.41 11.32
CA SER A 174 -2.16 -14.85 12.22
C SER A 174 -0.82 -14.93 11.48
N LEU A 175 0.24 -14.55 12.18
CA LEU A 175 1.60 -14.63 11.64
C LEU A 175 2.20 -16.00 11.97
N ALA A 176 2.62 -16.70 10.92
CA ALA A 176 3.20 -18.04 11.07
C ALA A 176 4.71 -17.96 11.25
N ALA A 177 5.24 -18.89 12.04
CA ALA A 177 6.69 -19.04 12.15
C ALA A 177 7.23 -19.99 11.07
N VAL A 178 8.41 -19.68 10.55
CA VAL A 178 9.09 -20.51 9.57
C VAL A 178 10.40 -21.05 10.15
N THR A 179 11.15 -20.17 10.80
CA THR A 179 12.42 -20.56 11.39
C THR A 179 12.30 -20.70 12.90
N ASP A 180 13.36 -21.22 13.53
CA ASP A 180 13.39 -21.32 15.00
C ASP A 180 13.30 -19.94 15.64
N LEU A 181 14.01 -18.97 15.06
CA LEU A 181 13.96 -17.60 15.58
C LEU A 181 12.54 -17.03 15.48
N ASP A 182 11.90 -17.20 14.32
CA ASP A 182 10.50 -16.77 14.16
C ASP A 182 9.72 -17.28 15.36
N ALA A 183 9.78 -18.59 15.57
CA ALA A 183 9.03 -19.25 16.64
C ALA A 183 9.26 -18.62 18.01
N LYS A 184 10.51 -18.44 18.39
CA LYS A 184 10.84 -17.82 19.67
C LYS A 184 10.25 -16.41 19.78
N LEU A 185 10.27 -15.68 18.67
CA LEU A 185 9.75 -14.31 18.65
C LEU A 185 8.24 -14.27 18.83
N LEU A 186 7.54 -15.27 18.31
CA LEU A 186 6.09 -15.34 18.47
C LEU A 186 5.71 -15.50 19.92
N ILE A 187 6.46 -16.34 20.64
CA ILE A 187 6.21 -16.56 22.06
C ILE A 187 6.34 -15.26 22.85
N GLU A 188 7.38 -14.50 22.57
CA GLU A 188 7.57 -13.19 23.21
C GLU A 188 6.50 -12.20 22.78
N LEU A 189 6.23 -12.14 21.48
CA LEU A 189 5.25 -11.20 20.95
C LEU A 189 3.86 -11.42 21.56
N ARG A 190 3.51 -12.69 21.74
CA ARG A 190 2.21 -13.04 22.28
C ARG A 190 2.05 -12.60 23.73
N LYS A 191 3.18 -12.30 24.38
CA LYS A 191 3.15 -11.80 25.75
C LYS A 191 2.55 -10.41 25.82
N GLU A 192 2.66 -9.66 24.72
CA GLU A 192 2.12 -8.31 24.65
C GLU A 192 0.95 -8.19 23.67
N HIS A 193 0.77 -9.23 22.86
CA HIS A 193 -0.24 -9.21 21.79
C HIS A 193 -0.91 -10.55 21.71
N PRO A 194 -2.05 -10.71 22.41
CA PRO A 194 -2.73 -12.00 22.42
C PRO A 194 -2.86 -12.58 21.01
N HIS A 195 -3.19 -11.71 20.05
CA HIS A 195 -3.24 -12.09 18.65
C HIS A 195 -2.08 -11.49 17.90
N VAL A 196 -1.13 -12.33 17.53
CA VAL A 196 0.00 -11.85 16.72
C VAL A 196 -0.29 -11.99 15.24
N SER A 197 -0.59 -10.87 14.59
CA SER A 197 -0.96 -10.87 13.18
C SER A 197 0.21 -10.37 12.34
N LEU A 198 0.03 -10.32 11.03
CA LEU A 198 1.04 -9.69 10.17
C LEU A 198 1.29 -8.26 10.67
N GLU A 199 0.20 -7.53 10.93
CA GLU A 199 0.30 -6.12 11.32
C GLU A 199 1.01 -5.91 12.66
N THR A 200 1.00 -6.94 13.50
CA THR A 200 1.70 -6.89 14.78
C THR A 200 3.21 -6.68 14.57
N VAL A 201 3.71 -7.12 13.41
CA VAL A 201 5.13 -7.00 13.13
C VAL A 201 5.43 -6.08 11.95
N PHE A 202 4.71 -6.25 10.84
CA PHE A 202 5.02 -5.54 9.59
C PHE A 202 4.31 -4.20 9.47
N SER A 203 4.70 -3.27 10.34
CA SER A 203 4.12 -1.93 10.37
C SER A 203 5.05 -1.05 11.19
N GLY A 204 4.78 0.25 11.19
CA GLY A 204 5.57 1.18 11.99
C GLY A 204 5.60 0.80 13.46
N PRO A 205 4.41 0.61 14.05
CA PRO A 205 4.33 0.15 15.44
C PRO A 205 4.90 -1.26 15.59
N GLY A 206 4.73 -2.08 14.54
CA GLY A 206 5.22 -3.46 14.55
C GLY A 206 6.73 -3.58 14.69
N ILE A 207 7.45 -2.63 14.10
CA ILE A 207 8.90 -2.65 14.20
C ILE A 207 9.34 -2.49 15.65
N ALA A 208 8.64 -1.65 16.39
CA ALA A 208 8.86 -1.50 17.82
C ALA A 208 8.51 -2.79 18.56
N HIS A 209 7.38 -3.39 18.20
CA HIS A 209 6.99 -4.66 18.82
C HIS A 209 8.06 -5.69 18.59
N LEU A 210 8.55 -5.75 17.36
CA LEU A 210 9.54 -6.77 16.99
C LEU A 210 10.84 -6.54 17.74
N TYR A 211 11.21 -5.28 17.92
CA TYR A 211 12.40 -4.93 18.68
C TYR A 211 12.30 -5.42 20.12
N LYS A 212 11.19 -5.12 20.79
CA LYS A 212 10.97 -5.56 22.17
C LYS A 212 11.10 -7.08 22.29
N ALA A 213 10.55 -7.80 21.32
CA ALA A 213 10.62 -9.26 21.30
C ALA A 213 12.05 -9.76 21.04
N MET A 214 12.72 -9.16 20.07
CA MET A 214 14.12 -9.52 19.77
C MET A 214 15.01 -9.28 20.97
N ALA A 215 14.80 -8.16 21.66
CA ALA A 215 15.58 -7.86 22.86
C ALA A 215 15.39 -8.96 23.90
N ALA A 216 14.14 -9.38 24.11
CA ALA A 216 13.83 -10.43 25.06
C ALA A 216 14.48 -11.76 24.68
N VAL A 217 14.41 -12.11 23.40
CA VAL A 217 15.03 -13.34 22.93
C VAL A 217 16.54 -13.32 23.11
N ASN A 218 17.15 -12.15 22.97
CA ASN A 218 18.59 -12.01 23.11
C ASN A 218 19.06 -11.76 24.55
N GLY A 219 18.12 -11.82 25.48
CA GLY A 219 18.44 -11.63 26.90
C GLY A 219 18.82 -10.22 27.27
N ILE A 220 18.16 -9.25 26.66
CA ILE A 220 18.44 -7.84 26.92
C ILE A 220 17.15 -7.08 27.22
N THR A 221 17.20 -6.20 28.21
CA THR A 221 16.06 -5.33 28.51
C THR A 221 15.94 -4.25 27.43
N ALA A 222 14.79 -4.21 26.78
CA ALA A 222 14.59 -3.30 25.66
C ALA A 222 14.28 -1.90 26.14
N LYS A 223 14.92 -0.92 25.51
CA LYS A 223 14.61 0.48 25.77
C LYS A 223 13.38 0.89 24.97
N HIS A 224 12.80 2.03 25.32
CA HIS A 224 11.59 2.50 24.65
C HIS A 224 11.93 3.18 23.35
N LEU A 225 11.97 2.40 22.27
CA LEU A 225 12.31 2.94 20.95
C LEU A 225 11.17 2.75 19.95
N ASP A 226 11.04 3.68 19.02
CA ASP A 226 10.13 3.54 17.88
C ASP A 226 10.94 3.16 16.65
N ALA A 227 10.26 3.00 15.51
CA ALA A 227 10.89 2.51 14.28
C ALA A 227 12.09 3.33 13.81
N ALA A 228 11.89 4.63 13.69
CA ALA A 228 12.97 5.52 13.26
C ALA A 228 14.16 5.43 14.20
N GLN A 229 13.89 5.47 15.50
CA GLN A 229 14.95 5.35 16.50
C GLN A 229 15.65 4.00 16.35
N ILE A 230 14.88 2.96 16.07
CA ILE A 230 15.44 1.63 15.88
C ILE A 230 16.34 1.59 14.64
N SER A 231 15.91 2.26 13.57
CA SER A 231 16.68 2.28 12.34
C SER A 231 17.95 3.12 12.48
N ASN A 232 17.84 4.24 13.21
CA ASN A 232 18.97 5.10 13.47
C ASN A 232 20.06 4.42 14.30
N LEU A 233 19.65 3.89 15.45
CA LEU A 233 20.58 3.25 16.37
C LEU A 233 21.25 2.04 15.73
N ALA A 234 20.53 1.39 14.82
CA ALA A 234 21.12 0.29 14.05
C ALA A 234 22.27 0.80 13.19
N ASN A 235 22.03 1.91 12.50
CA ASN A 235 23.03 2.47 11.59
C ASN A 235 24.30 2.96 12.27
N THR A 236 24.14 3.57 13.44
CA THR A 236 25.28 4.07 14.20
C THR A 236 25.97 2.96 14.97
N GLY A 237 25.39 1.76 14.90
CA GLY A 237 25.94 0.61 15.61
C GLY A 237 25.81 0.76 17.12
N GLU A 238 24.83 1.55 17.55
CA GLU A 238 24.60 1.76 18.98
C GLU A 238 23.54 0.82 19.53
N CYS A 239 22.99 -0.01 18.66
CA CYS A 239 21.95 -0.94 19.07
C CYS A 239 21.97 -2.20 18.21
N GLU A 240 22.80 -3.16 18.60
CA GLU A 240 22.96 -4.40 17.85
C GLU A 240 21.62 -5.09 17.62
N VAL A 241 20.82 -5.19 18.68
CA VAL A 241 19.51 -5.83 18.58
C VAL A 241 18.61 -5.11 17.57
N CYS A 242 18.79 -3.81 17.42
CA CYS A 242 18.03 -3.03 16.45
C CYS A 242 18.36 -3.46 15.03
N ASP A 243 19.64 -3.61 14.74
CA ASP A 243 20.08 -4.04 13.41
C ASP A 243 19.54 -5.44 13.10
N ALA A 244 19.61 -6.33 14.08
CA ALA A 244 19.09 -7.69 13.91
C ALA A 244 17.57 -7.69 13.74
N THR A 245 16.91 -6.75 14.41
CA THR A 245 15.45 -6.62 14.34
C THR A 245 15.03 -6.24 12.92
N LEU A 246 15.73 -5.28 12.34
CA LEU A 246 15.38 -4.84 11.01
C LEU A 246 15.68 -5.90 9.94
N ASN A 247 16.72 -6.71 10.16
CA ASN A 247 16.99 -7.81 9.24
C ASN A 247 15.92 -8.89 9.34
N GLN A 248 15.50 -9.16 10.57
CA GLN A 248 14.45 -10.16 10.82
C GLN A 248 13.13 -9.69 10.23
N PHE A 249 12.88 -8.39 10.31
CA PHE A 249 11.69 -7.78 9.72
C PHE A 249 11.66 -8.09 8.22
N CYS A 250 12.79 -7.85 7.56
CA CYS A 250 12.88 -8.06 6.11
C CYS A 250 12.73 -9.54 5.75
N ASP A 251 13.43 -10.39 6.51
CA ASP A 251 13.38 -11.84 6.29
C ASP A 251 11.93 -12.32 6.40
N TRP A 252 11.32 -12.03 7.54
CA TRP A 252 9.96 -12.51 7.84
C TRP A 252 8.99 -11.99 6.83
N LEU A 253 9.14 -10.72 6.46
CA LEU A 253 8.26 -10.11 5.45
C LEU A 253 8.25 -10.95 4.17
N GLY A 254 9.41 -11.50 3.82
CA GLY A 254 9.51 -12.34 2.63
C GLY A 254 8.53 -13.51 2.73
N SER A 255 8.52 -14.16 3.87
CA SER A 255 7.61 -15.29 4.10
C SER A 255 6.16 -14.86 3.96
N ALA A 256 5.84 -13.70 4.55
CA ALA A 256 4.46 -13.19 4.56
C ALA A 256 4.02 -12.80 3.15
N ALA A 257 4.91 -12.13 2.44
CA ALA A 257 4.63 -11.72 1.07
C ALA A 257 4.41 -12.95 0.20
N GLY A 258 5.17 -14.01 0.44
CA GLY A 258 5.03 -15.27 -0.29
C GLY A 258 3.67 -15.90 -0.03
N ASP A 259 3.26 -15.88 1.23
CA ASP A 259 1.94 -16.38 1.61
C ASP A 259 0.82 -15.62 0.90
N LEU A 260 0.89 -14.29 0.91
CA LEU A 260 -0.12 -13.49 0.22
C LEU A 260 -0.12 -13.73 -1.29
N ALA A 261 1.06 -13.96 -1.86
CA ALA A 261 1.13 -14.26 -3.28
C ALA A 261 0.38 -15.56 -3.60
N LEU A 262 0.43 -16.51 -2.67
CA LEU A 262 -0.29 -17.78 -2.83
C LEU A 262 -1.79 -17.62 -2.59
N ALA A 263 -2.12 -16.89 -1.53
CA ALA A 263 -3.52 -16.68 -1.15
C ALA A 263 -4.27 -15.92 -2.24
N TYR A 264 -3.55 -15.02 -2.92
CA TYR A 264 -4.16 -14.21 -3.98
C TYR A 264 -3.89 -14.70 -5.40
N GLY A 265 -3.22 -15.85 -5.52
CA GLY A 265 -2.90 -16.41 -6.84
C GLY A 265 -2.23 -15.37 -7.72
N ALA A 266 -1.21 -14.73 -7.17
CA ALA A 266 -0.65 -13.51 -7.75
C ALA A 266 0.43 -13.75 -8.81
N LEU A 267 0.11 -14.54 -9.84
CA LEU A 267 1.06 -14.84 -10.91
C LEU A 267 1.28 -13.61 -11.78
N GLY A 268 0.40 -12.61 -11.62
CA GLY A 268 0.55 -11.32 -12.28
C GLY A 268 1.62 -10.45 -11.66
N GLY A 269 2.05 -10.82 -10.46
CA GLY A 269 3.08 -10.08 -9.74
C GLY A 269 2.64 -9.63 -8.37
N LEU A 270 3.60 -9.30 -7.51
CA LEU A 270 3.29 -8.79 -6.17
C LEU A 270 4.05 -7.50 -5.97
N PHE A 271 3.33 -6.47 -5.51
CA PHE A 271 3.93 -5.16 -5.31
C PHE A 271 3.94 -4.79 -3.82
N ILE A 272 5.03 -4.21 -3.37
CA ILE A 272 5.14 -3.79 -1.98
C ILE A 272 5.23 -2.27 -1.93
N GLY A 273 4.20 -1.65 -1.35
CA GLY A 273 4.14 -0.19 -1.28
C GLY A 273 4.33 0.31 0.13
N GLY A 274 3.66 1.41 0.45
CA GLY A 274 3.80 2.02 1.77
C GLY A 274 5.02 2.92 1.82
N GLY A 275 5.23 3.54 2.97
CA GLY A 275 6.34 4.46 3.14
C GLY A 275 7.53 3.90 3.91
N ILE A 276 7.37 2.73 4.49
CA ILE A 276 8.43 2.14 5.29
C ILE A 276 9.48 1.38 4.46
N LEU A 277 9.04 0.46 3.60
CA LEU A 277 9.99 -0.36 2.87
C LEU A 277 10.87 0.40 1.88
N PRO A 278 10.35 1.49 1.29
CA PRO A 278 11.23 2.22 0.38
C PRO A 278 12.41 2.88 1.10
N ARG A 279 12.28 3.06 2.41
CA ARG A 279 13.36 3.60 3.22
C ARG A 279 14.33 2.53 3.70
N MET A 280 14.09 1.28 3.34
CA MET A 280 14.92 0.17 3.79
C MET A 280 15.43 -0.65 2.60
N GLN A 281 15.51 -0.02 1.44
CA GLN A 281 15.79 -0.73 0.19
C GLN A 281 17.06 -1.59 0.22
N SER A 282 18.15 -1.03 0.72
CA SER A 282 19.43 -1.74 0.74
C SER A 282 19.39 -2.95 1.66
N ARG A 283 18.85 -2.75 2.85
CA ARG A 283 18.71 -3.83 3.82
C ARG A 283 17.80 -4.92 3.28
N LEU A 284 16.73 -4.53 2.62
CA LEU A 284 15.76 -5.48 2.06
C LEU A 284 16.43 -6.37 1.02
N LEU A 285 17.17 -5.74 0.11
CA LEU A 285 17.80 -6.48 -0.98
C LEU A 285 18.95 -7.36 -0.50
N GLU A 286 19.48 -7.05 0.68
CA GLU A 286 20.55 -7.85 1.26
C GLU A 286 20.02 -8.94 2.18
N SER A 287 18.72 -8.91 2.43
CA SER A 287 18.12 -9.80 3.43
C SER A 287 17.83 -11.17 2.82
N ARG A 288 17.17 -12.02 3.61
CA ARG A 288 16.71 -13.31 3.12
C ARG A 288 15.27 -13.26 2.61
N PHE A 289 14.78 -12.06 2.29
CA PHE A 289 13.41 -11.89 1.78
C PHE A 289 13.11 -12.83 0.61
N VAL A 290 13.94 -12.80 -0.43
CA VAL A 290 13.65 -13.58 -1.63
C VAL A 290 13.69 -15.09 -1.40
N GLU A 291 14.68 -15.55 -0.65
CA GLU A 291 14.81 -16.95 -0.29
C GLU A 291 13.55 -17.41 0.46
N ARG A 292 13.11 -16.60 1.42
CA ARG A 292 11.92 -16.97 2.18
C ARG A 292 10.64 -16.84 1.37
N PHE A 293 10.61 -15.92 0.42
CA PHE A 293 9.42 -15.69 -0.41
C PHE A 293 8.94 -16.95 -1.13
N SER A 294 9.90 -17.71 -1.69
CA SER A 294 9.53 -18.88 -2.50
C SER A 294 9.82 -20.22 -1.84
N GLN A 295 10.02 -20.19 -0.53
CA GLN A 295 10.22 -21.41 0.26
C GLN A 295 8.86 -21.92 0.71
N LYS A 296 8.15 -22.55 -0.23
CA LYS A 296 6.74 -22.88 -0.05
C LYS A 296 6.41 -24.28 -0.54
N GLY A 297 7.20 -25.26 -0.13
CA GLY A 297 6.91 -26.66 -0.49
C GLY A 297 6.65 -26.86 -1.96
N ILE A 298 5.56 -27.55 -2.28
CA ILE A 298 5.28 -27.88 -3.66
C ILE A 298 4.94 -26.65 -4.50
N MET A 299 4.64 -25.55 -3.83
CA MET A 299 4.35 -24.30 -4.53
C MET A 299 5.58 -23.40 -4.59
N SER A 300 6.75 -23.97 -4.33
CA SER A 300 7.99 -23.20 -4.43
C SER A 300 8.24 -22.70 -5.84
N GLN A 301 8.08 -23.57 -6.83
CA GLN A 301 8.28 -23.17 -8.21
C GLN A 301 7.31 -22.05 -8.61
N TYR A 302 6.07 -22.17 -8.13
CA TYR A 302 5.05 -21.15 -8.39
C TYR A 302 5.52 -19.76 -7.93
N ASN A 303 5.92 -19.66 -6.67
CA ASN A 303 6.39 -18.37 -6.14
C ASN A 303 7.73 -17.95 -6.73
N GLY A 304 8.47 -18.92 -7.25
CA GLY A 304 9.71 -18.64 -7.98
C GLY A 304 9.43 -17.83 -9.24
N GLN A 305 8.24 -17.99 -9.80
CA GLN A 305 7.87 -17.29 -11.02
C GLN A 305 7.30 -15.90 -10.78
N VAL A 306 6.84 -15.64 -9.57
CA VAL A 306 6.16 -14.38 -9.24
C VAL A 306 7.14 -13.22 -9.07
N PRO A 307 7.01 -12.17 -9.91
CA PRO A 307 7.89 -11.02 -9.77
C PRO A 307 7.48 -10.18 -8.58
N VAL A 308 8.45 -9.73 -7.79
CA VAL A 308 8.15 -8.89 -6.62
C VAL A 308 8.80 -7.52 -6.83
N THR A 309 8.01 -6.47 -6.74
CA THR A 309 8.47 -5.11 -7.05
C THR A 309 8.25 -4.17 -5.86
N LEU A 310 9.27 -3.40 -5.51
CA LEU A 310 9.15 -2.37 -4.49
C LEU A 310 8.72 -1.07 -5.14
N VAL A 311 7.56 -0.56 -4.76
CA VAL A 311 7.03 0.68 -5.35
C VAL A 311 7.71 1.92 -4.77
N THR A 312 8.24 2.75 -5.66
CA THR A 312 8.96 3.95 -5.26
C THR A 312 8.30 5.27 -5.70
N GLN A 313 7.40 5.22 -6.69
CA GLN A 313 6.70 6.42 -7.13
C GLN A 313 5.65 6.94 -6.15
N ASP A 314 5.34 8.23 -6.22
CA ASP A 314 4.59 8.92 -5.16
C ASP A 314 3.09 9.11 -5.38
N ASN A 315 2.61 8.83 -6.59
CA ASN A 315 1.23 9.13 -6.96
C ASN A 315 0.33 7.91 -7.16
N ILE A 316 0.70 6.79 -6.54
CA ILE A 316 -0.08 5.56 -6.66
C ILE A 316 -1.59 5.76 -6.52
N PRO A 317 -2.01 6.48 -5.46
CA PRO A 317 -3.46 6.64 -5.29
C PRO A 317 -4.11 7.33 -6.49
N LEU A 318 -3.43 8.33 -7.04
CA LEU A 318 -3.95 9.06 -8.19
C LEU A 318 -4.01 8.19 -9.45
N ILE A 319 -2.95 7.42 -9.69
CA ILE A 319 -2.93 6.50 -10.82
C ILE A 319 -4.05 5.44 -10.70
N GLY A 320 -4.27 4.97 -9.48
CA GLY A 320 -5.34 4.01 -9.21
C GLY A 320 -6.72 4.60 -9.44
N ALA A 321 -6.97 5.77 -8.87
CA ALA A 321 -8.24 6.47 -9.09
C ALA A 321 -8.51 6.59 -10.59
N ALA A 322 -7.48 6.97 -11.34
CA ALA A 322 -7.60 7.11 -12.79
C ALA A 322 -7.97 5.78 -13.44
N ALA A 323 -7.24 4.73 -13.07
CA ALA A 323 -7.44 3.39 -13.65
C ALA A 323 -8.83 2.86 -13.31
N CYS A 324 -9.27 3.12 -12.08
CA CYS A 324 -10.59 2.68 -11.64
C CYS A 324 -11.69 3.28 -12.48
N LEU A 325 -11.71 4.61 -12.56
CA LEU A 325 -12.76 5.31 -13.28
C LEU A 325 -12.72 5.04 -14.77
N HIS A 326 -11.53 5.02 -15.34
CA HIS A 326 -11.37 4.86 -16.77
C HIS A 326 -11.73 3.48 -17.25
N ASN A 327 -11.50 2.49 -16.40
CA ASN A 327 -11.83 1.11 -16.72
C ASN A 327 -13.23 0.69 -16.31
N SER A 328 -14.01 1.63 -15.76
CA SER A 328 -15.38 1.35 -15.33
C SER A 328 -16.20 0.77 -16.46
#